data_2RFM
#
_entry.id   2RFM
#
_cell.length_a   101.002
_cell.length_b   101.002
_cell.length_c   174.483
_cell.angle_alpha   90.000
_cell.angle_beta   90.000
_cell.angle_gamma   120.000
#
_symmetry.space_group_name_H-M   'P 64 2 2'
#
loop_
_entity.id
_entity.type
_entity.pdbx_description
1 polymer 'Putative ankyrin repeat protein TV1425'
2 non-polymer 'SULFATE ION'
3 non-polymer TRIS-HYDROXYMETHYL-METHYL-AMMONIUM
4 non-polymer 1,3-BUTANEDIOL
5 non-polymer GLYCEROL
6 non-polymer 'CHLORIDE ION'
7 water water
#
_entity_poly.entity_id   1
_entity_poly.type   'polypeptide(L)'
_entity_poly.pdbx_seq_one_letter_code
;GSHMDKNGEIVEKIKDEKSINQNLDFLRNYRDSYNRTPLMVACMLGMENAIDKLVENFDKLEDKDIEGSTALIWAVKNNR
LGIAEKLLSKGSNVNTKDFSGKTPLMWSIIFGYSEMSYFLLEHGANVNDRNLEGETPLIVASKYGRSEIVKKLLELGADI
SARDLTGLTAEASARIFGRQEVIKIFTEVRRA
;
_entity_poly.pdbx_strand_id   A,B
#
loop_
_chem_comp.id
_chem_comp.type
_chem_comp.name
_chem_comp.formula
144 non-polymer TRIS-HYDROXYMETHYL-METHYL-AMMONIUM 'C4 H12 N O3 1'
BU2 non-polymer 1,3-BUTANEDIOL 'C4 H10 O2'
CL non-polymer 'CHLORIDE ION' 'Cl -1'
GOL non-polymer GLYCEROL 'C3 H8 O3'
SO4 non-polymer 'SULFATE ION' 'O4 S -2'
#
# COMPACT_ATOMS: atom_id res chain seq x y z
N ILE A 10 24.90 3.62 13.38
CA ILE A 10 25.10 3.65 11.91
C ILE A 10 25.07 5.10 11.39
N VAL A 11 24.08 5.88 11.79
CA VAL A 11 23.93 7.24 11.22
C VAL A 11 25.20 8.07 11.40
N GLU A 12 25.79 8.02 12.59
CA GLU A 12 26.99 8.82 12.84
C GLU A 12 28.15 8.33 11.97
N LYS A 13 28.16 7.04 11.63
CA LYS A 13 29.24 6.48 10.84
C LYS A 13 29.13 6.83 9.36
N ILE A 14 27.92 7.12 8.88
CA ILE A 14 27.73 7.38 7.47
C ILE A 14 27.31 8.83 7.21
N LYS A 15 27.57 9.69 8.19
CA LYS A 15 27.16 11.10 8.15
C LYS A 15 27.90 11.94 7.12
N ASP A 16 29.05 11.46 6.65
CA ASP A 16 29.83 12.17 5.62
C ASP A 16 31.00 11.31 5.16
N GLU A 17 31.65 11.75 4.07
N GLU A 17 31.65 11.75 4.08
CA GLU A 17 32.79 11.02 3.51
CA GLU A 17 32.78 11.02 3.51
C GLU A 17 33.84 10.75 4.58
C GLU A 17 33.88 10.78 4.53
N LYS A 18 34.14 11.76 5.38
CA LYS A 18 35.11 11.62 6.46
C LYS A 18 34.73 10.51 7.43
N SER A 19 33.49 10.55 7.93
CA SER A 19 33.01 9.50 8.84
C SER A 19 33.06 8.14 8.18
N ILE A 20 32.62 8.06 6.94
CA ILE A 20 32.69 6.80 6.19
C ILE A 20 34.11 6.24 6.18
N ASN A 21 35.09 7.05 5.79
CA ASN A 21 36.47 6.58 5.73
C ASN A 21 37.08 6.11 7.06
N GLN A 22 36.59 6.59 8.18
CA GLN A 22 37.13 6.12 9.45
C GLN A 22 36.41 4.90 10.00
N ASN A 23 35.38 4.46 9.29
CA ASN A 23 34.61 3.31 9.75
C ASN A 23 34.49 2.24 8.69
N LEU A 24 35.48 2.18 7.81
CA LEU A 24 35.41 1.31 6.64
C LEU A 24 35.19 -0.16 7.01
N ASP A 25 36.01 -0.68 7.92
CA ASP A 25 35.90 -2.09 8.28
C ASP A 25 34.52 -2.41 8.84
N PHE A 26 34.02 -1.56 9.73
CA PHE A 26 32.72 -1.76 10.35
C PHE A 26 31.62 -1.79 9.30
N LEU A 27 31.66 -0.80 8.41
CA LEU A 27 30.62 -0.63 7.40
C LEU A 27 30.66 -1.71 6.31
N ARG A 28 31.84 -2.29 6.08
CA ARG A 28 32.02 -3.22 4.98
C ARG A 28 31.13 -4.46 5.09
N ASN A 29 30.92 -4.95 6.30
CA ASN A 29 30.07 -6.13 6.49
C ASN A 29 28.90 -5.89 7.43
N TYR A 30 28.51 -4.62 7.62
CA TYR A 30 27.42 -4.31 8.54
C TYR A 30 26.10 -4.85 7.98
N ARG A 31 25.33 -5.54 8.81
CA ARG A 31 23.95 -5.88 8.45
C ARG A 31 23.09 -5.69 9.69
N ASP A 32 21.90 -5.11 9.52
CA ASP A 32 21.02 -4.93 10.68
C ASP A 32 20.00 -6.08 10.73
N SER A 33 18.97 -5.95 11.57
N SER A 33 18.96 -5.92 11.55
CA SER A 33 17.99 -7.04 11.73
CA SER A 33 17.93 -6.96 11.76
C SER A 33 17.24 -7.36 10.44
C SER A 33 17.01 -7.19 10.58
N TYR A 34 17.15 -6.37 9.54
CA TYR A 34 16.49 -6.59 8.25
C TYR A 34 17.50 -7.08 7.18
N ASN A 35 18.72 -7.43 7.61
CA ASN A 35 19.79 -7.84 6.70
C ASN A 35 20.10 -6.69 5.74
N ARG A 36 19.95 -5.44 6.21
CA ARG A 36 20.23 -4.29 5.33
C ARG A 36 21.69 -3.90 5.40
N THR A 37 22.22 -3.46 4.27
CA THR A 37 23.54 -2.83 4.21
C THR A 37 23.47 -1.34 4.63
N PRO A 38 24.62 -0.74 4.98
CA PRO A 38 24.68 0.71 5.17
C PRO A 38 24.05 1.49 4.02
N LEU A 39 24.27 1.05 2.79
CA LEU A 39 23.68 1.74 1.65
C LEU A 39 22.13 1.80 1.77
N MET A 40 21.51 0.67 2.10
CA MET A 40 20.05 0.66 2.23
C MET A 40 19.57 1.60 3.31
N VAL A 41 20.29 1.63 4.43
CA VAL A 41 19.91 2.53 5.54
C VAL A 41 20.00 4.00 5.12
N ALA A 42 21.08 4.35 4.43
CA ALA A 42 21.26 5.72 3.94
C ALA A 42 20.11 6.07 2.99
N CYS A 43 19.70 5.09 2.17
CA CYS A 43 18.63 5.34 1.21
C CYS A 43 17.32 5.58 1.93
N MET A 44 17.00 4.77 2.93
N MET A 44 17.03 4.79 2.99
CA MET A 44 15.80 5.03 3.64
CA MET A 44 15.84 4.90 3.88
C MET A 44 15.81 6.43 4.23
C MET A 44 15.76 6.22 4.65
N LEU A 45 16.93 6.78 4.88
CA LEU A 45 17.03 8.03 5.65
C LEU A 45 17.14 9.25 4.78
N GLY A 46 17.37 9.07 3.48
CA GLY A 46 17.50 10.17 2.55
C GLY A 46 18.86 10.88 2.70
N MET A 47 19.88 10.11 3.09
CA MET A 47 21.20 10.69 3.31
C MET A 47 21.91 10.75 1.98
N GLU A 48 21.49 11.71 1.19
CA GLU A 48 21.91 11.81 -0.18
C GLU A 48 23.41 11.96 -0.27
N ASN A 49 23.99 12.69 0.68
N ASN A 49 24.02 12.66 0.69
CA ASN A 49 25.44 12.91 0.74
CA ASN A 49 25.46 12.90 0.67
C ASN A 49 26.29 11.66 0.88
C ASN A 49 26.34 11.69 1.01
N ALA A 50 25.73 10.56 1.38
CA ALA A 50 26.51 9.34 1.67
C ALA A 50 26.51 8.35 0.48
N ILE A 51 25.56 8.52 -0.43
CA ILE A 51 25.29 7.46 -1.43
C ILE A 51 26.48 7.11 -2.30
N ASP A 52 27.08 8.10 -2.96
CA ASP A 52 28.17 7.77 -3.89
C ASP A 52 29.35 7.08 -3.21
N LYS A 53 29.76 7.55 -2.04
CA LYS A 53 30.91 6.94 -1.36
C LYS A 53 30.58 5.55 -0.83
N LEU A 54 29.34 5.35 -0.38
CA LEU A 54 28.98 4.00 0.07
C LEU A 54 29.00 3.02 -1.11
N VAL A 55 28.50 3.45 -2.26
CA VAL A 55 28.53 2.60 -3.45
C VAL A 55 29.96 2.34 -3.94
N GLU A 56 30.75 3.40 -4.01
CA GLU A 56 32.12 3.25 -4.54
C GLU A 56 32.99 2.37 -3.64
N ASN A 57 32.77 2.44 -2.33
CA ASN A 57 33.51 1.64 -1.39
C ASN A 57 33.06 0.19 -1.23
N PHE A 58 31.74 -0.03 -1.22
CA PHE A 58 31.20 -1.33 -0.82
C PHE A 58 30.32 -2.02 -1.85
N ASP A 59 30.00 -1.34 -2.95
N ASP A 59 29.92 -1.28 -2.88
CA ASP A 59 29.14 -1.89 -4.01
CA ASP A 59 29.15 -1.80 -4.00
C ASP A 59 27.91 -2.49 -3.38
C ASP A 59 27.82 -2.44 -3.54
N LYS A 60 27.65 -3.75 -3.70
CA LYS A 60 26.43 -4.45 -3.22
C LYS A 60 25.14 -3.78 -3.69
N LEU A 61 25.12 -3.21 -4.91
CA LEU A 61 23.89 -2.50 -5.32
C LEU A 61 22.69 -3.38 -5.38
N GLU A 62 22.88 -4.68 -5.72
CA GLU A 62 21.70 -5.54 -5.84
C GLU A 62 21.49 -6.45 -4.64
N ASP A 63 22.19 -6.20 -3.55
CA ASP A 63 21.93 -7.04 -2.36
C ASP A 63 20.50 -6.75 -1.89
N LYS A 64 19.84 -7.79 -1.35
CA LYS A 64 18.44 -7.61 -0.94
C LYS A 64 18.27 -7.83 0.56
N ASP A 65 17.31 -7.13 1.14
CA ASP A 65 17.02 -7.32 2.58
C ASP A 65 16.02 -8.45 2.77
N ILE A 66 15.51 -8.60 3.98
CA ILE A 66 14.64 -9.74 4.28
C ILE A 66 13.28 -9.74 3.54
N GLU A 67 12.89 -8.60 2.94
CA GLU A 67 11.68 -8.55 2.11
C GLU A 67 12.02 -8.67 0.63
N GLY A 68 13.30 -8.73 0.31
CA GLY A 68 13.77 -8.83 -1.06
C GLY A 68 14.01 -7.47 -1.70
N SER A 69 14.06 -6.42 -0.87
N SER A 69 14.03 -6.41 -0.89
CA SER A 69 14.26 -5.04 -1.36
CA SER A 69 14.22 -5.07 -1.43
C SER A 69 15.73 -4.66 -1.50
C SER A 69 15.69 -4.66 -1.51
N THR A 70 16.10 -4.13 -2.66
CA THR A 70 17.43 -3.54 -2.81
C THR A 70 17.38 -2.08 -2.31
N ALA A 71 18.54 -1.45 -2.25
CA ALA A 71 18.65 -0.03 -1.90
C ALA A 71 17.70 0.79 -2.77
N LEU A 72 17.61 0.45 -4.07
CA LEU A 72 16.72 1.25 -4.93
C LEU A 72 15.25 1.13 -4.47
N ILE A 73 14.83 -0.07 -4.07
N ILE A 73 14.81 -0.07 -4.06
CA ILE A 73 13.49 -0.24 -3.52
CA ILE A 73 13.45 -0.16 -3.56
C ILE A 73 13.30 0.61 -2.27
C ILE A 73 13.26 0.61 -2.24
N TRP A 74 14.27 0.59 -1.37
CA TRP A 74 14.21 1.46 -0.17
C TRP A 74 14.04 2.95 -0.57
N ALA A 75 14.79 3.38 -1.56
CA ALA A 75 14.68 4.78 -1.98
C ALA A 75 13.28 5.04 -2.55
N VAL A 76 12.79 4.14 -3.38
CA VAL A 76 11.53 4.39 -4.08
C VAL A 76 10.37 4.35 -3.11
N LYS A 77 10.38 3.37 -2.20
CA LYS A 77 9.25 3.26 -1.25
C LYS A 77 9.20 4.43 -0.29
N ASN A 78 10.31 5.16 -0.12
CA ASN A 78 10.35 6.37 0.69
C ASN A 78 10.35 7.67 -0.11
N ASN A 79 9.98 7.55 -1.38
CA ASN A 79 9.91 8.69 -2.30
C ASN A 79 11.19 9.56 -2.29
N ARG A 80 12.37 8.90 -2.27
CA ARG A 80 13.63 9.66 -2.20
C ARG A 80 14.15 9.83 -3.63
N LEU A 81 13.71 10.90 -4.28
CA LEU A 81 14.01 11.04 -5.71
C LEU A 81 15.49 11.30 -5.95
N GLY A 82 16.08 12.21 -5.19
CA GLY A 82 17.51 12.50 -5.28
C GLY A 82 18.34 11.22 -5.13
N ILE A 83 17.98 10.41 -4.13
N ILE A 83 17.98 10.39 -4.16
CA ILE A 83 18.70 9.13 -3.92
CA ILE A 83 18.73 9.15 -3.93
C ILE A 83 18.51 8.21 -5.11
C ILE A 83 18.49 8.13 -5.05
N ALA A 84 17.26 8.08 -5.58
CA ALA A 84 17.00 7.18 -6.72
C ALA A 84 17.80 7.61 -7.96
N GLU A 85 17.93 8.92 -8.15
CA GLU A 85 18.71 9.43 -9.29
C GLU A 85 20.15 8.96 -9.15
N LYS A 86 20.70 9.09 -7.94
N LYS A 86 20.71 9.12 -7.94
CA LYS A 86 22.11 8.71 -7.70
CA LYS A 86 22.11 8.72 -7.70
C LYS A 86 22.31 7.21 -7.87
C LYS A 86 22.26 7.23 -7.94
N LEU A 87 21.35 6.43 -7.40
CA LEU A 87 21.44 4.98 -7.57
C LEU A 87 21.39 4.57 -9.03
N LEU A 88 20.45 5.12 -9.82
N LEU A 88 20.50 5.19 -9.79
CA LEU A 88 20.38 4.72 -11.22
CA LEU A 88 20.40 4.84 -11.19
C LEU A 88 21.73 5.03 -11.89
C LEU A 88 21.63 5.30 -11.97
N SER A 89 22.26 6.21 -11.56
N SER A 89 22.36 6.29 -11.48
N SER A 89 22.42 6.34 -11.55
CA SER A 89 23.53 6.64 -12.17
CA SER A 89 23.59 6.71 -12.15
CA SER A 89 23.67 6.69 -12.24
C SER A 89 24.69 5.71 -11.84
C SER A 89 24.74 5.78 -11.80
C SER A 89 24.80 5.78 -11.80
N LYS A 90 24.65 5.12 -10.65
CA LYS A 90 25.67 4.16 -10.19
C LYS A 90 25.45 2.75 -10.72
N GLY A 91 24.28 2.52 -11.31
CA GLY A 91 24.04 1.21 -11.96
C GLY A 91 22.97 0.34 -11.32
N SER A 92 22.17 0.90 -10.39
CA SER A 92 21.10 0.06 -9.81
C SER A 92 20.16 -0.45 -10.90
N ASN A 93 19.69 -1.68 -10.73
CA ASN A 93 18.75 -2.29 -11.65
C ASN A 93 17.33 -1.76 -11.38
N VAL A 94 16.83 -0.95 -12.31
CA VAL A 94 15.51 -0.34 -12.15
C VAL A 94 14.38 -1.39 -12.25
N ASN A 95 14.72 -2.61 -12.69
CA ASN A 95 13.71 -3.70 -12.86
C ASN A 95 13.92 -4.82 -11.86
N THR A 96 14.61 -4.50 -10.77
CA THR A 96 14.70 -5.43 -9.64
C THR A 96 13.31 -5.75 -9.13
N LYS A 97 13.19 -6.92 -8.48
CA LYS A 97 11.92 -7.28 -7.85
C LYS A 97 12.14 -7.71 -6.43
N ASP A 98 11.23 -7.31 -5.53
CA ASP A 98 11.28 -7.86 -4.17
C ASP A 98 10.65 -9.26 -4.18
N PHE A 99 10.51 -9.87 -3.01
CA PHE A 99 10.14 -11.29 -3.05
C PHE A 99 8.69 -11.52 -3.51
N SER A 100 7.88 -10.45 -3.47
CA SER A 100 6.51 -10.54 -3.95
C SER A 100 6.42 -10.30 -5.45
N GLY A 101 7.58 -10.08 -6.08
CA GLY A 101 7.62 -9.83 -7.52
C GLY A 101 7.33 -8.37 -7.86
N LYS A 102 7.28 -7.46 -6.87
CA LYS A 102 7.02 -6.03 -7.17
C LYS A 102 8.29 -5.30 -7.54
N THR A 103 8.21 -4.51 -8.60
CA THR A 103 9.34 -3.70 -9.04
C THR A 103 9.26 -2.29 -8.47
N PRO A 104 10.34 -1.52 -8.61
CA PRO A 104 10.30 -0.12 -8.20
C PRO A 104 9.09 0.63 -8.79
N LEU A 105 8.82 0.44 -10.08
CA LEU A 105 7.66 1.13 -10.72
C LEU A 105 6.38 0.71 -10.00
N MET A 106 6.23 -0.58 -9.70
N MET A 106 6.19 -0.57 -9.69
CA MET A 106 5.03 -1.04 -8.96
CA MET A 106 4.94 -0.93 -9.00
C MET A 106 4.84 -0.26 -7.68
C MET A 106 4.80 -0.26 -7.65
N TRP A 107 5.91 -0.17 -6.89
CA TRP A 107 5.83 0.52 -5.62
C TRP A 107 5.50 2.00 -5.77
N SER A 108 6.08 2.63 -6.78
N SER A 108 6.08 2.67 -6.75
CA SER A 108 5.82 4.02 -7.00
CA SER A 108 5.76 4.09 -6.94
C SER A 108 4.36 4.28 -7.39
C SER A 108 4.29 4.27 -7.33
N ILE A 109 3.75 3.31 -8.09
CA ILE A 109 2.35 3.37 -8.47
C ILE A 109 1.46 3.15 -7.21
N ILE A 110 1.76 2.08 -6.48
CA ILE A 110 1.01 1.77 -5.24
C ILE A 110 0.92 2.98 -4.31
N PHE A 111 2.05 3.64 -4.07
CA PHE A 111 2.06 4.78 -3.13
C PHE A 111 1.68 6.14 -3.76
N GLY A 112 1.52 6.16 -5.09
CA GLY A 112 1.09 7.39 -5.77
C GLY A 112 2.18 8.44 -5.87
N TYR A 113 3.43 7.98 -5.94
CA TYR A 113 4.54 8.93 -6.05
C TYR A 113 4.74 9.27 -7.53
N SER A 114 3.98 10.27 -8.01
CA SER A 114 3.96 10.52 -9.46
C SER A 114 5.32 10.87 -10.06
N GLU A 115 6.00 11.83 -9.45
CA GLU A 115 7.29 12.22 -10.02
C GLU A 115 8.25 11.03 -10.08
N MET A 116 8.28 10.24 -9.02
CA MET A 116 9.12 9.05 -8.99
C MET A 116 8.71 8.10 -10.11
N SER A 117 7.41 7.91 -10.33
CA SER A 117 6.99 7.02 -11.42
C SER A 117 7.51 7.49 -12.78
N TYR A 118 7.37 8.78 -13.05
CA TYR A 118 7.85 9.24 -14.35
C TYR A 118 9.36 9.09 -14.47
N PHE A 119 10.07 9.36 -13.36
CA PHE A 119 11.53 9.20 -13.40
C PHE A 119 11.90 7.74 -13.68
N LEU A 120 11.25 6.81 -12.99
CA LEU A 120 11.56 5.39 -13.23
C LEU A 120 11.28 4.98 -14.67
N LEU A 121 10.13 5.41 -15.20
CA LEU A 121 9.83 5.07 -16.59
C LEU A 121 10.88 5.65 -17.55
N GLU A 122 11.34 6.88 -17.31
CA GLU A 122 12.30 7.53 -18.21
C GLU A 122 13.67 6.87 -18.08
N HIS A 123 13.87 6.12 -17.00
CA HIS A 123 15.12 5.36 -16.76
C HIS A 123 15.00 3.85 -16.89
N GLY A 124 14.05 3.43 -17.70
CA GLY A 124 14.06 2.05 -18.18
C GLY A 124 13.17 1.08 -17.44
N ALA A 125 12.31 1.58 -16.55
CA ALA A 125 11.35 0.69 -15.88
C ALA A 125 10.49 -0.02 -16.90
N ASN A 126 10.40 -1.35 -16.77
N ASN A 126 10.39 -1.35 -16.79
N ASN A 126 10.40 -1.35 -16.79
CA ASN A 126 9.67 -2.16 -17.72
CA ASN A 126 9.68 -2.20 -17.76
CA ASN A 126 9.73 -2.12 -17.83
C ASN A 126 8.17 -1.88 -17.59
C ASN A 126 8.17 -2.00 -17.62
C ASN A 126 8.20 -2.06 -17.66
N VAL A 127 7.51 -1.58 -18.70
CA VAL A 127 6.07 -1.32 -18.60
C VAL A 127 5.20 -2.53 -18.52
N ASN A 128 5.78 -3.69 -18.88
CA ASN A 128 4.99 -4.93 -18.92
C ASN A 128 5.38 -5.97 -17.87
N ASP A 129 6.22 -5.63 -16.89
CA ASP A 129 6.69 -6.66 -15.95
C ASP A 129 5.46 -7.14 -15.17
N ARG A 130 5.54 -8.32 -14.59
CA ARG A 130 4.43 -8.79 -13.75
C ARG A 130 4.92 -9.13 -12.37
N ASN A 131 4.03 -8.94 -11.38
CA ASN A 131 4.35 -9.45 -10.02
C ASN A 131 3.86 -10.90 -9.88
N LEU A 132 3.96 -11.47 -8.68
CA LEU A 132 3.62 -12.87 -8.56
C LEU A 132 2.17 -13.17 -8.88
N GLU A 133 1.27 -12.23 -8.67
N GLU A 133 1.31 -12.18 -8.64
CA GLU A 133 -0.13 -12.50 -8.96
CA GLU A 133 -0.14 -12.27 -8.85
C GLU A 133 -0.54 -12.06 -10.35
C GLU A 133 -0.53 -12.06 -10.32
N GLY A 134 0.46 -11.82 -11.18
CA GLY A 134 0.23 -11.65 -12.62
C GLY A 134 -0.22 -10.25 -12.96
N GLU A 135 -0.12 -9.31 -12.01
CA GLU A 135 -0.52 -7.94 -12.32
C GLU A 135 0.61 -7.23 -13.02
N THR A 136 0.26 -6.48 -14.06
CA THR A 136 1.24 -5.63 -14.77
C THR A 136 1.15 -4.20 -14.17
N PRO A 137 2.13 -3.34 -14.49
CA PRO A 137 2.00 -1.93 -14.06
C PRO A 137 0.67 -1.31 -14.48
N LEU A 138 0.18 -1.60 -15.69
CA LEU A 138 -1.10 -1.03 -16.12
C LEU A 138 -2.24 -1.48 -15.18
N ILE A 139 -2.24 -2.77 -14.83
CA ILE A 139 -3.29 -3.31 -13.94
C ILE A 139 -3.17 -2.62 -12.57
N VAL A 140 -1.96 -2.54 -12.04
CA VAL A 140 -1.78 -1.95 -10.69
C VAL A 140 -2.20 -0.48 -10.71
N ALA A 141 -1.79 0.26 -11.73
CA ALA A 141 -2.18 1.67 -11.80
C ALA A 141 -3.71 1.83 -11.94
N SER A 142 -4.34 0.92 -12.66
CA SER A 142 -5.77 0.96 -12.82
C SER A 142 -6.48 0.70 -11.50
N LYS A 143 -6.05 -0.30 -10.75
CA LYS A 143 -6.70 -0.64 -9.47
C LYS A 143 -6.52 0.48 -8.46
N TYR A 144 -5.34 1.09 -8.46
CA TYR A 144 -5.08 2.21 -7.54
C TYR A 144 -5.59 3.58 -8.01
N GLY A 145 -6.17 3.63 -9.20
CA GLY A 145 -6.78 4.87 -9.69
C GLY A 145 -5.75 5.93 -10.08
N ARG A 146 -4.55 5.48 -10.47
CA ARG A 146 -3.49 6.43 -10.93
C ARG A 146 -3.68 6.76 -12.40
N SER A 147 -4.64 7.63 -12.69
N SER A 147 -4.66 7.63 -12.65
CA SER A 147 -5.09 7.85 -14.06
CA SER A 147 -5.12 7.94 -13.99
C SER A 147 -4.04 8.46 -14.99
C SER A 147 -3.99 8.37 -14.91
N GLU A 148 -3.20 9.37 -14.49
CA GLU A 148 -2.14 9.86 -15.37
C GLU A 148 -1.09 8.79 -15.66
N ILE A 149 -0.82 7.91 -14.69
CA ILE A 149 0.14 6.83 -14.93
C ILE A 149 -0.45 5.83 -15.93
N VAL A 150 -1.76 5.53 -15.81
CA VAL A 150 -2.42 4.69 -16.83
C VAL A 150 -2.23 5.28 -18.23
N LYS A 151 -2.51 6.59 -18.36
CA LYS A 151 -2.33 7.26 -19.62
C LYS A 151 -0.90 7.10 -20.16
N LYS A 152 0.09 7.35 -19.31
CA LYS A 152 1.49 7.26 -19.69
C LYS A 152 1.84 5.84 -20.12
N LEU A 153 1.44 4.85 -19.32
CA LEU A 153 1.76 3.44 -19.66
C LEU A 153 1.17 3.07 -21.02
N LEU A 154 -0.07 3.49 -21.28
CA LEU A 154 -0.66 3.20 -22.61
C LEU A 154 0.15 3.86 -23.73
N GLU A 155 0.56 5.10 -23.50
CA GLU A 155 1.40 5.84 -24.47
C GLU A 155 2.71 5.10 -24.73
N LEU A 156 3.23 4.45 -23.71
CA LEU A 156 4.49 3.72 -23.81
C LEU A 156 4.30 2.29 -24.29
N GLY A 157 3.08 1.94 -24.71
CA GLY A 157 2.85 0.64 -25.35
C GLY A 157 2.55 -0.52 -24.44
N ALA A 158 2.12 -0.25 -23.21
CA ALA A 158 1.65 -1.30 -22.33
C ALA A 158 0.55 -2.13 -22.97
N ASP A 159 0.55 -3.44 -22.66
CA ASP A 159 -0.43 -4.34 -23.24
C ASP A 159 -1.76 -4.24 -22.55
N ILE A 160 -2.76 -3.73 -23.25
CA ILE A 160 -4.08 -3.56 -22.61
C ILE A 160 -4.79 -4.89 -22.33
N SER A 161 -4.34 -5.95 -22.99
N SER A 161 -4.39 -5.96 -22.99
CA SER A 161 -5.03 -7.24 -22.98
CA SER A 161 -5.13 -7.21 -22.89
C SER A 161 -4.63 -8.13 -21.82
C SER A 161 -4.61 -8.16 -21.82
N ALA A 162 -3.57 -7.75 -21.10
CA ALA A 162 -3.03 -8.61 -20.02
C ALA A 162 -4.06 -8.87 -18.92
N ARG A 163 -4.07 -10.09 -18.40
CA ARG A 163 -4.97 -10.49 -17.31
C ARG A 163 -4.16 -11.02 -16.14
N ASP A 164 -4.61 -10.74 -14.92
CA ASP A 164 -3.90 -11.21 -13.71
C ASP A 164 -4.61 -12.43 -13.11
N LEU A 165 -4.33 -12.74 -11.85
CA LEU A 165 -4.93 -13.92 -11.17
C LEU A 165 -6.45 -13.91 -11.13
N THR A 166 -7.06 -12.72 -11.24
CA THR A 166 -8.51 -12.60 -11.17
C THR A 166 -9.15 -12.86 -12.52
N GLY A 167 -8.32 -12.95 -13.55
CA GLY A 167 -8.78 -13.15 -14.91
C GLY A 167 -9.25 -11.89 -15.61
N LEU A 168 -9.15 -10.75 -14.93
N LEU A 168 -9.11 -10.75 -14.94
CA LEU A 168 -9.60 -9.46 -15.49
CA LEU A 168 -9.58 -9.46 -15.48
C LEU A 168 -8.48 -8.65 -16.12
C LEU A 168 -8.47 -8.64 -16.12
N THR A 169 -8.85 -7.83 -17.12
CA THR A 169 -7.89 -6.89 -17.70
C THR A 169 -7.84 -5.65 -16.80
N ALA A 170 -6.87 -4.79 -17.10
CA ALA A 170 -6.76 -3.51 -16.38
C ALA A 170 -8.05 -2.70 -16.40
N GLU A 171 -8.63 -2.55 -17.59
CA GLU A 171 -9.86 -1.75 -17.69
C GLU A 171 -11.01 -2.39 -16.88
N ALA A 172 -11.15 -3.72 -16.93
CA ALA A 172 -12.19 -4.35 -16.16
C ALA A 172 -11.96 -4.11 -14.68
N SER A 173 -10.71 -4.20 -14.27
CA SER A 173 -10.36 -3.94 -12.86
C SER A 173 -10.66 -2.47 -12.50
N ALA A 174 -10.36 -1.53 -13.38
CA ALA A 174 -10.73 -0.14 -13.09
C ALA A 174 -12.23 0.01 -12.83
N ARG A 175 -13.05 -0.69 -13.61
CA ARG A 175 -14.51 -0.63 -13.39
C ARG A 175 -14.89 -1.22 -12.02
N ILE A 176 -14.29 -2.36 -11.66
CA ILE A 176 -14.58 -2.96 -10.36
C ILE A 176 -14.27 -1.96 -9.24
N PHE A 177 -13.15 -1.25 -9.35
CA PHE A 177 -12.72 -0.34 -8.28
C PHE A 177 -13.26 1.08 -8.40
N GLY A 178 -14.12 1.32 -9.39
CA GLY A 178 -14.85 2.58 -9.51
C GLY A 178 -13.95 3.74 -9.87
N ARG A 179 -12.92 3.46 -10.65
CA ARG A 179 -11.94 4.50 -10.97
C ARG A 179 -12.34 5.27 -12.22
N GLN A 180 -13.20 6.28 -12.04
CA GLN A 180 -13.81 6.96 -13.17
C GLN A 180 -12.80 7.60 -14.12
N GLU A 181 -11.80 8.29 -13.59
N GLU A 181 -11.76 8.22 -13.54
CA GLU A 181 -10.84 8.94 -14.50
CA GLU A 181 -10.71 8.96 -14.27
C GLU A 181 -10.12 7.86 -15.31
C GLU A 181 -9.82 8.02 -15.08
N VAL A 182 -9.73 6.78 -14.64
CA VAL A 182 -9.01 5.74 -15.37
C VAL A 182 -9.89 5.19 -16.49
N ILE A 183 -11.15 4.94 -16.18
CA ILE A 183 -12.06 4.43 -17.18
C ILE A 183 -12.13 5.43 -18.35
N LYS A 184 -12.15 6.71 -18.03
CA LYS A 184 -12.17 7.75 -19.06
C LYS A 184 -10.92 7.68 -19.97
N ILE A 185 -9.77 7.40 -19.37
CA ILE A 185 -8.54 7.25 -20.15
C ILE A 185 -8.71 6.07 -21.12
N PHE A 186 -9.21 4.95 -20.62
CA PHE A 186 -9.38 3.76 -21.47
C PHE A 186 -10.33 4.03 -22.63
N THR A 187 -11.38 4.81 -22.36
CA THR A 187 -12.38 5.13 -23.37
C THR A 187 -11.79 6.04 -24.44
N GLU A 188 -11.06 7.07 -24.01
CA GLU A 188 -10.41 7.98 -24.95
C GLU A 188 -9.44 7.22 -25.85
N VAL A 189 -8.72 6.27 -25.25
CA VAL A 189 -7.76 5.45 -25.98
C VAL A 189 -8.46 4.56 -27.00
N ARG A 190 -9.56 3.95 -26.57
CA ARG A 190 -10.30 3.03 -27.40
C ARG A 190 -10.90 3.76 -28.61
N ARG A 191 -11.43 4.95 -28.37
CA ARG A 191 -11.94 5.82 -29.44
C ARG A 191 -10.85 6.15 -30.45
N ALA A 192 -9.91 6.99 -30.03
CA ALA A 192 -8.80 7.41 -30.90
C ALA A 192 -8.01 6.21 -31.44
N GLU B 9 -23.30 -1.00 -14.31
CA GLU B 9 -24.68 -1.29 -14.80
C GLU B 9 -25.68 -1.03 -13.71
N ILE B 10 -25.27 -1.29 -12.47
CA ILE B 10 -26.20 -1.31 -11.37
C ILE B 10 -26.27 0.01 -10.61
N VAL B 11 -25.38 0.94 -10.92
CA VAL B 11 -25.45 2.26 -10.30
C VAL B 11 -26.81 2.90 -10.58
N GLU B 12 -27.32 2.71 -11.78
CA GLU B 12 -28.62 3.26 -12.14
C GLU B 12 -29.74 2.61 -11.35
N LYS B 13 -29.56 1.33 -11.01
CA LYS B 13 -30.60 0.55 -10.34
C LYS B 13 -30.60 0.76 -8.83
N ILE B 14 -29.55 1.35 -8.29
CA ILE B 14 -29.49 1.62 -6.86
C ILE B 14 -29.37 3.11 -6.58
N LYS B 15 -29.60 3.95 -7.59
CA LYS B 15 -29.41 5.40 -7.43
C LYS B 15 -30.38 6.02 -6.41
N ASP B 16 -31.57 5.46 -6.29
CA ASP B 16 -32.52 5.94 -5.30
C ASP B 16 -33.45 4.81 -4.85
N GLU B 17 -34.16 5.04 -3.76
CA GLU B 17 -35.06 4.04 -3.19
C GLU B 17 -36.14 3.61 -4.19
N LYS B 18 -36.61 4.55 -5.00
CA LYS B 18 -37.55 4.25 -6.09
C LYS B 18 -36.93 3.28 -7.11
N SER B 19 -35.68 3.53 -7.51
CA SER B 19 -35.00 2.66 -8.46
C SER B 19 -34.77 1.26 -7.88
N ILE B 20 -34.40 1.20 -6.61
CA ILE B 20 -34.19 -0.06 -5.93
C ILE B 20 -35.46 -0.91 -5.93
N ASN B 21 -36.60 -0.28 -5.66
CA ASN B 21 -37.87 -1.00 -5.66
C ASN B 21 -38.26 -1.50 -7.04
N GLN B 22 -37.84 -0.78 -8.07
CA GLN B 22 -38.08 -1.19 -9.45
C GLN B 22 -37.23 -2.39 -9.86
N ASN B 23 -36.16 -2.65 -9.10
CA ASN B 23 -35.17 -3.66 -9.52
C ASN B 23 -34.86 -4.74 -8.48
N LEU B 24 -35.83 -5.03 -7.61
CA LEU B 24 -35.59 -5.94 -6.49
C LEU B 24 -35.10 -7.34 -6.89
N ASP B 25 -35.72 -7.92 -7.91
CA ASP B 25 -35.34 -9.26 -8.37
C ASP B 25 -33.89 -9.28 -8.89
N PHE B 26 -33.55 -8.30 -9.72
CA PHE B 26 -32.20 -8.21 -10.28
C PHE B 26 -31.15 -8.03 -9.18
N LEU B 27 -31.46 -7.16 -8.22
CA LEU B 27 -30.53 -6.82 -7.15
C LEU B 27 -30.39 -7.95 -6.13
N ARG B 28 -31.47 -8.68 -5.93
CA ARG B 28 -31.49 -9.72 -4.92
C ARG B 28 -30.42 -10.78 -5.14
N ASN B 29 -30.07 -11.07 -6.38
N ASN B 29 -30.12 -11.06 -6.41
CA ASN B 29 -29.08 -12.11 -6.62
CA ASN B 29 -29.17 -12.11 -6.77
C ASN B 29 -27.82 -11.60 -7.32
C ASN B 29 -28.02 -11.59 -7.64
N TYR B 30 -27.76 -10.30 -7.57
CA TYR B 30 -26.65 -9.69 -8.31
C TYR B 30 -25.29 -10.01 -7.67
N ARG B 31 -24.37 -10.50 -8.50
CA ARG B 31 -22.97 -10.67 -8.09
C ARG B 31 -22.09 -10.31 -9.27
N ASP B 32 -21.08 -9.48 -9.03
CA ASP B 32 -20.17 -9.17 -10.12
C ASP B 32 -18.98 -10.15 -10.15
N SER B 33 -17.94 -9.83 -10.93
N SER B 33 -17.95 -9.83 -10.94
CA SER B 33 -16.81 -10.74 -11.08
CA SER B 33 -16.77 -10.72 -11.08
C SER B 33 -15.91 -10.82 -9.84
C SER B 33 -15.99 -10.89 -9.79
N TYR B 34 -16.14 -9.94 -8.87
CA TYR B 34 -15.47 -10.07 -7.56
C TYR B 34 -16.40 -10.74 -6.54
N ASN B 35 -17.52 -11.23 -7.06
CA ASN B 35 -18.60 -11.83 -6.24
C ASN B 35 -19.15 -10.80 -5.24
N ARG B 36 -19.24 -9.55 -5.67
CA ARG B 36 -19.74 -8.50 -4.77
C ARG B 36 -21.25 -8.35 -4.91
N THR B 37 -21.88 -8.00 -3.80
CA THR B 37 -23.32 -7.69 -3.73
C THR B 37 -23.52 -6.24 -4.09
N PRO B 38 -24.75 -5.88 -4.48
CA PRO B 38 -25.09 -4.47 -4.60
C PRO B 38 -24.65 -3.65 -3.40
N LEU B 39 -24.83 -4.15 -2.17
CA LEU B 39 -24.41 -3.39 -0.99
C LEU B 39 -22.92 -3.00 -1.04
N MET B 40 -22.05 -3.96 -1.36
CA MET B 40 -20.61 -3.68 -1.43
C MET B 40 -20.30 -2.61 -2.46
N VAL B 41 -20.95 -2.69 -3.61
CA VAL B 41 -20.76 -1.69 -4.66
C VAL B 41 -21.17 -0.29 -4.17
N ALA B 42 -22.34 -0.22 -3.53
CA ALA B 42 -22.82 1.06 -3.02
C ALA B 42 -21.83 1.61 -2.00
N CYS B 43 -21.24 0.73 -1.20
CA CYS B 43 -20.31 1.16 -0.17
C CYS B 43 -19.01 1.68 -0.79
N MET B 44 -18.49 0.98 -1.79
CA MET B 44 -17.29 1.46 -2.46
C MET B 44 -17.53 2.86 -3.03
N LEU B 45 -18.68 3.05 -3.64
CA LEU B 45 -18.99 4.30 -4.39
C LEU B 45 -19.42 5.45 -3.49
N GLY B 46 -19.61 5.16 -2.21
CA GLY B 46 -20.06 6.17 -1.26
C GLY B 46 -21.50 6.62 -1.47
N MET B 47 -22.34 5.70 -1.92
CA MET B 47 -23.77 5.99 -2.16
C MET B 47 -24.59 5.78 -0.89
N GLU B 48 -24.45 6.76 0.02
CA GLU B 48 -25.01 6.65 1.35
C GLU B 48 -26.51 6.50 1.31
N ASN B 49 -27.14 7.19 0.36
CA ASN B 49 -28.59 7.13 0.24
C ASN B 49 -29.15 5.74 -0.07
N ALA B 50 -28.32 4.83 -0.57
CA ALA B 50 -28.78 3.49 -0.98
C ALA B 50 -28.70 2.49 0.17
N ILE B 51 -27.89 2.80 1.18
CA ILE B 51 -27.53 1.79 2.17
C ILE B 51 -28.74 1.25 2.95
N ASP B 52 -29.57 2.14 3.50
CA ASP B 52 -30.71 1.71 4.30
C ASP B 52 -31.51 0.64 3.59
N LYS B 53 -31.94 0.94 2.36
CA LYS B 53 -32.83 0.07 1.63
C LYS B 53 -32.18 -1.22 1.15
N LEU B 54 -30.90 -1.17 0.79
CA LEU B 54 -30.19 -2.38 0.37
C LEU B 54 -30.07 -3.32 1.56
N VAL B 55 -29.71 -2.80 2.73
CA VAL B 55 -29.59 -3.63 3.92
C VAL B 55 -30.98 -4.18 4.27
N GLU B 56 -31.97 -3.30 4.30
CA GLU B 56 -33.34 -3.73 4.66
C GLU B 56 -33.84 -4.86 3.77
N ASN B 57 -33.63 -4.73 2.46
CA ASN B 57 -34.17 -5.73 1.52
C ASN B 57 -33.36 -7.01 1.42
N PHE B 58 -32.03 -6.89 1.43
CA PHE B 58 -31.17 -8.03 1.07
C PHE B 58 -30.22 -8.50 2.16
N ASP B 59 -30.10 -7.74 3.24
CA ASP B 59 -29.24 -8.14 4.36
C ASP B 59 -27.82 -8.41 3.88
N LYS B 60 -27.31 -9.62 4.12
CA LYS B 60 -25.97 -10.01 3.65
C LYS B 60 -24.84 -9.09 4.15
N LEU B 61 -25.00 -8.53 5.34
CA LEU B 61 -23.96 -7.64 5.92
C LEU B 61 -22.58 -8.27 5.98
N GLU B 62 -22.50 -9.57 6.30
CA GLU B 62 -21.17 -10.19 6.40
C GLU B 62 -20.77 -11.06 5.22
N ASP B 63 -21.48 -10.94 4.11
CA ASP B 63 -21.01 -11.66 2.92
C ASP B 63 -19.66 -11.11 2.52
N LYS B 64 -18.80 -11.96 1.96
CA LYS B 64 -17.46 -11.55 1.55
C LYS B 64 -17.26 -11.73 0.07
N ASP B 65 -16.42 -10.87 -0.50
CA ASP B 65 -16.08 -10.95 -1.92
C ASP B 65 -14.89 -11.88 -2.14
N ILE B 66 -14.32 -11.87 -3.33
CA ILE B 66 -13.27 -12.86 -3.66
C ILE B 66 -11.97 -12.61 -2.85
N GLU B 67 -11.80 -11.40 -2.31
CA GLU B 67 -10.64 -11.10 -1.47
C GLU B 67 -10.96 -11.30 0.02
N GLY B 68 -12.19 -11.71 0.33
CA GLY B 68 -12.63 -11.90 1.73
C GLY B 68 -13.14 -10.63 2.40
N SER B 69 -13.50 -9.63 1.61
CA SER B 69 -13.90 -8.31 2.11
C SER B 69 -15.42 -8.20 2.22
N THR B 70 -15.91 -7.75 3.37
CA THR B 70 -17.30 -7.38 3.52
C THR B 70 -17.55 -5.94 3.01
N ALA B 71 -18.82 -5.56 2.99
CA ALA B 71 -19.21 -4.19 2.61
C ALA B 71 -18.45 -3.20 3.50
N LEU B 72 -18.27 -3.51 4.78
CA LEU B 72 -17.57 -2.56 5.66
C LEU B 72 -16.11 -2.36 5.22
N ILE B 73 -15.41 -3.42 4.81
CA ILE B 73 -14.06 -3.27 4.31
C ILE B 73 -14.07 -2.40 3.05
N TRP B 74 -15.04 -2.62 2.15
CA TRP B 74 -15.15 -1.71 0.96
C TRP B 74 -15.31 -0.24 1.36
N ALA B 75 -16.13 0.01 2.37
CA ALA B 75 -16.33 1.40 2.81
C ALA B 75 -15.04 1.94 3.42
N VAL B 76 -14.40 1.13 4.25
CA VAL B 76 -13.22 1.63 4.98
C VAL B 76 -12.03 1.87 4.03
N LYS B 77 -11.84 0.97 3.07
CA LYS B 77 -10.70 1.12 2.15
C LYS B 77 -10.90 2.32 1.22
N ASN B 78 -12.13 2.85 1.17
CA ASN B 78 -12.41 4.02 0.35
C ASN B 78 -12.71 5.28 1.18
N ASN B 79 -12.36 5.18 2.45
CA ASN B 79 -12.48 6.29 3.40
C ASN B 79 -13.90 6.89 3.43
N ARG B 80 -14.89 5.98 3.40
CA ARG B 80 -16.28 6.41 3.41
C ARG B 80 -16.76 6.46 4.87
N LEU B 81 -16.55 7.59 5.54
CA LEU B 81 -16.89 7.67 6.96
C LEU B 81 -18.39 7.56 7.23
N GLY B 82 -19.19 8.26 6.43
CA GLY B 82 -20.64 8.20 6.64
C GLY B 82 -21.18 6.82 6.40
N ILE B 83 -20.69 6.15 5.36
CA ILE B 83 -21.13 4.78 5.07
C ILE B 83 -20.71 3.86 6.23
N ALA B 84 -19.48 3.99 6.68
CA ALA B 84 -19.03 3.14 7.79
C ALA B 84 -19.91 3.31 9.01
N GLU B 85 -20.22 4.55 9.36
N GLU B 85 -20.25 4.55 9.34
CA GLU B 85 -21.11 4.82 10.49
CA GLU B 85 -21.12 4.84 10.46
C GLU B 85 -22.47 4.12 10.29
C GLU B 85 -22.47 4.13 10.29
N LYS B 86 -23.06 4.25 9.11
CA LYS B 86 -24.34 3.59 8.82
C LYS B 86 -24.25 2.07 8.96
N LEU B 87 -23.21 1.49 8.37
CA LEU B 87 -23.04 0.04 8.46
C LEU B 87 -22.91 -0.42 9.90
N LEU B 88 -22.11 0.28 10.70
CA LEU B 88 -21.89 -0.14 12.10
C LEU B 88 -23.20 -0.05 12.87
N SER B 89 -23.95 1.03 12.61
CA SER B 89 -25.22 1.19 13.29
C SER B 89 -26.24 0.07 12.93
N LYS B 90 -26.10 -0.52 11.75
CA LYS B 90 -26.94 -1.62 11.32
C LYS B 90 -26.44 -3.00 11.73
N GLY B 91 -25.25 -3.05 12.32
CA GLY B 91 -24.76 -4.31 12.89
C GLY B 91 -23.56 -4.92 12.19
N SER B 92 -22.93 -4.21 11.25
CA SER B 92 -21.72 -4.77 10.66
C SER B 92 -20.66 -5.07 11.70
N ASN B 93 -19.92 -6.14 11.47
CA ASN B 93 -18.85 -6.54 12.35
C ASN B 93 -17.57 -5.74 12.08
N VAL B 94 -17.21 -4.89 13.03
CA VAL B 94 -16.04 -4.00 12.90
C VAL B 94 -14.72 -4.80 12.94
N ASN B 95 -14.81 -6.07 13.35
CA ASN B 95 -13.62 -6.89 13.50
C ASN B 95 -13.56 -8.01 12.46
N THR B 96 -14.32 -7.83 11.39
CA THR B 96 -14.19 -8.71 10.24
C THR B 96 -12.75 -8.67 9.72
N LYS B 97 -12.34 -9.74 9.01
CA LYS B 97 -11.07 -9.67 8.32
C LYS B 97 -11.13 -10.25 6.93
N ASP B 98 -10.29 -9.72 6.06
CA ASP B 98 -10.22 -10.28 4.72
C ASP B 98 -9.33 -11.53 4.67
N PHE B 99 -9.10 -12.05 3.47
CA PHE B 99 -8.38 -13.34 3.37
C PHE B 99 -6.89 -13.23 3.79
N SER B 100 -6.38 -11.99 3.90
CA SER B 100 -5.01 -11.76 4.41
C SER B 100 -4.97 -11.48 5.92
N GLY B 101 -6.13 -11.52 6.58
CA GLY B 101 -6.18 -11.28 8.00
C GLY B 101 -6.21 -9.81 8.34
N LYS B 102 -6.39 -8.93 7.34
CA LYS B 102 -6.45 -7.50 7.65
C LYS B 102 -7.87 -7.06 8.01
N THR B 103 -7.95 -6.33 9.10
CA THR B 103 -9.24 -5.82 9.63
C THR B 103 -9.49 -4.38 9.13
N PRO B 104 -10.72 -3.89 9.29
CA PRO B 104 -10.97 -2.48 8.89
C PRO B 104 -9.95 -1.54 9.54
N LEU B 105 -9.66 -1.74 10.84
CA LEU B 105 -8.67 -0.86 11.50
C LEU B 105 -7.30 -0.94 10.80
N MET B 106 -6.81 -2.15 10.51
CA MET B 106 -5.53 -2.23 9.83
C MET B 106 -5.56 -1.48 8.48
N TRP B 107 -6.65 -1.64 7.72
CA TRP B 107 -6.70 -0.94 6.41
C TRP B 107 -6.67 0.58 6.57
N SER B 108 -7.38 1.07 7.59
N SER B 108 -7.38 1.09 7.60
CA SER B 108 -7.41 2.49 7.84
CA SER B 108 -7.42 2.53 7.83
C SER B 108 -5.99 2.98 8.11
C SER B 108 -6.04 3.05 8.24
N ILE B 109 -5.28 2.20 8.91
CA ILE B 109 -3.91 2.56 9.30
C ILE B 109 -2.98 2.53 8.07
N ILE B 110 -3.03 1.45 7.30
CA ILE B 110 -2.25 1.34 6.06
C ILE B 110 -2.41 2.55 5.15
N PHE B 111 -3.66 2.95 4.92
CA PHE B 111 -3.91 4.07 3.99
C PHE B 111 -3.78 5.46 4.63
N GLY B 112 -3.60 5.50 5.94
CA GLY B 112 -3.45 6.78 6.67
C GLY B 112 -4.74 7.58 6.76
N TYR B 113 -5.87 6.88 6.85
CA TYR B 113 -7.18 7.56 7.02
C TYR B 113 -7.38 7.78 8.54
N SER B 114 -6.83 8.88 9.03
N SER B 114 -6.84 8.88 9.05
CA SER B 114 -6.77 9.13 10.46
CA SER B 114 -6.78 9.11 10.48
C SER B 114 -8.15 9.14 11.12
C SER B 114 -8.14 9.20 11.17
N GLU B 115 -9.05 9.97 10.60
CA GLU B 115 -10.39 10.11 11.17
C GLU B 115 -11.06 8.74 11.20
N MET B 116 -10.94 7.99 10.11
CA MET B 116 -11.50 6.63 10.07
C MET B 116 -10.90 5.73 11.15
N SER B 117 -9.59 5.78 11.36
CA SER B 117 -8.99 4.94 12.42
C SER B 117 -9.58 5.27 13.78
N TYR B 118 -9.65 6.55 14.13
CA TYR B 118 -10.24 6.90 15.42
C TYR B 118 -11.68 6.44 15.53
N PHE B 119 -12.42 6.62 14.44
CA PHE B 119 -13.82 6.23 14.39
C PHE B 119 -13.97 4.72 14.64
N LEU B 120 -13.19 3.92 13.95
CA LEU B 120 -13.27 2.47 14.13
C LEU B 120 -12.95 2.08 15.58
N LEU B 121 -11.92 2.69 16.15
CA LEU B 121 -11.60 2.43 17.57
C LEU B 121 -12.74 2.81 18.51
N GLU B 122 -13.38 3.93 18.22
CA GLU B 122 -14.54 4.38 19.02
C GLU B 122 -15.78 3.51 18.81
N HIS B 123 -15.72 2.59 17.86
CA HIS B 123 -16.82 1.66 17.59
C HIS B 123 -16.38 0.21 17.76
N GLY B 124 -15.33 0.03 18.57
CA GLY B 124 -15.07 -1.30 19.10
C GLY B 124 -14.04 -2.10 18.34
N ALA B 125 -13.30 -1.47 17.42
CA ALA B 125 -12.25 -2.21 16.71
C ALA B 125 -11.21 -2.78 17.69
N ASN B 126 -10.85 -4.06 17.52
CA ASN B 126 -9.92 -4.75 18.43
C ASN B 126 -8.52 -4.17 18.27
N VAL B 127 -7.86 -3.86 19.38
CA VAL B 127 -6.50 -3.36 19.23
C VAL B 127 -5.43 -4.44 19.18
N ASN B 128 -5.79 -5.70 19.48
CA ASN B 128 -4.76 -6.76 19.50
C ASN B 128 -4.79 -7.85 18.40
N ASP B 129 -5.51 -7.62 17.33
CA ASP B 129 -5.76 -8.67 16.36
C ASP B 129 -4.41 -8.92 15.61
N ARG B 130 -4.31 -10.06 14.93
CA ARG B 130 -3.10 -10.33 14.12
C ARG B 130 -3.48 -10.56 12.67
N ASN B 131 -2.68 -10.03 11.73
CA ASN B 131 -2.86 -10.42 10.33
C ASN B 131 -2.04 -11.67 9.98
N LEU B 132 -2.09 -12.05 8.70
CA LEU B 132 -1.39 -13.28 8.26
C LEU B 132 0.12 -13.25 8.57
N GLU B 133 0.72 -12.06 8.54
CA GLU B 133 2.16 -11.92 8.79
C GLU B 133 2.44 -11.70 10.29
N GLY B 134 1.41 -11.81 11.12
CA GLY B 134 1.60 -11.69 12.54
C GLY B 134 1.67 -10.24 13.02
N GLU B 135 1.37 -9.30 12.14
CA GLU B 135 1.36 -7.90 12.60
C GLU B 135 0.10 -7.60 13.36
N THR B 136 0.24 -6.75 14.37
CA THR B 136 -0.90 -6.24 15.15
C THR B 136 -1.14 -4.79 14.68
N PRO B 137 -2.28 -4.20 15.05
CA PRO B 137 -2.49 -2.79 14.74
C PRO B 137 -1.34 -1.90 15.18
N LEU B 138 -0.75 -2.20 16.35
CA LEU B 138 0.41 -1.39 16.81
C LEU B 138 1.60 -1.53 15.87
N ILE B 139 1.93 -2.75 15.46
CA ILE B 139 3.01 -2.95 14.50
C ILE B 139 2.73 -2.24 13.17
N VAL B 140 1.52 -2.42 12.66
CA VAL B 140 1.17 -1.78 11.36
C VAL B 140 1.31 -0.25 11.48
N ALA B 141 0.75 0.33 12.55
CA ALA B 141 0.82 1.78 12.72
C ALA B 141 2.28 2.23 12.84
N SER B 142 3.09 1.43 13.54
CA SER B 142 4.50 1.78 13.71
C SER B 142 5.25 1.74 12.37
N LYS B 143 5.05 0.70 11.57
CA LYS B 143 5.75 0.60 10.28
C LYS B 143 5.34 1.68 9.33
N TYR B 144 4.07 2.08 9.39
CA TYR B 144 3.58 3.15 8.47
C TYR B 144 3.76 4.56 9.02
N GLY B 145 4.31 4.68 10.23
CA GLY B 145 4.62 5.99 10.81
C GLY B 145 3.41 6.76 11.29
N ARG B 146 2.35 6.05 11.65
CA ARG B 146 1.12 6.73 12.14
C ARG B 146 1.24 7.02 13.64
N SER B 147 2.04 8.01 13.99
CA SER B 147 2.40 8.21 15.39
C SER B 147 1.22 8.49 16.32
N GLU B 148 0.22 9.22 15.85
CA GLU B 148 -0.90 9.54 16.74
C GLU B 148 -1.77 8.32 16.97
N ILE B 149 -1.85 7.46 15.95
CA ILE B 149 -2.54 6.20 16.13
C ILE B 149 -1.75 5.28 17.08
N VAL B 150 -0.43 5.23 16.91
CA VAL B 150 0.40 4.47 17.88
C VAL B 150 0.09 4.87 19.33
N LYS B 151 0.13 6.18 19.59
N LYS B 151 0.09 6.18 19.62
CA LYS B 151 -0.19 6.71 20.92
CA LYS B 151 -0.16 6.62 20.99
C LYS B 151 -1.50 6.12 21.43
C LYS B 151 -1.54 6.21 21.49
N LYS B 152 -2.53 6.25 20.60
CA LYS B 152 -3.90 5.84 20.98
C LYS B 152 -3.99 4.36 21.22
N LEU B 153 -3.35 3.55 20.36
CA LEU B 153 -3.38 2.10 20.52
C LEU B 153 -2.70 1.72 21.82
N LEU B 154 -1.59 2.40 22.16
CA LEU B 154 -0.91 2.10 23.44
C LEU B 154 -1.82 2.41 24.65
N GLU B 155 -2.50 3.53 24.58
CA GLU B 155 -3.45 3.93 25.62
C GLU B 155 -4.57 2.89 25.79
N LEU B 156 -5.02 2.33 24.69
CA LEU B 156 -6.12 1.35 24.69
C LEU B 156 -5.65 -0.06 25.06
N GLY B 157 -4.36 -0.21 25.38
CA GLY B 157 -3.85 -1.50 25.89
C GLY B 157 -3.20 -2.41 24.87
N ALA B 158 -2.76 -1.85 23.74
CA ALA B 158 -2.10 -2.69 22.75
C ALA B 158 -0.86 -3.33 23.38
N ASP B 159 -0.60 -4.60 23.05
CA ASP B 159 0.53 -5.32 23.62
C ASP B 159 1.82 -4.90 22.97
N ILE B 160 2.66 -4.22 23.74
CA ILE B 160 3.87 -3.64 23.22
C ILE B 160 4.91 -4.71 22.81
N SER B 161 4.76 -5.92 23.36
CA SER B 161 5.79 -6.95 23.18
C SER B 161 5.52 -7.88 22.00
N ALA B 162 4.42 -7.66 21.29
CA ALA B 162 4.04 -8.58 20.18
C ALA B 162 5.13 -8.57 19.11
N ARG B 163 5.42 -9.74 18.53
CA ARG B 163 6.41 -9.84 17.44
C ARG B 163 5.75 -10.51 16.25
N ASP B 164 6.08 -10.04 15.06
CA ASP B 164 5.52 -10.60 13.83
C ASP B 164 6.53 -11.56 13.18
N LEU B 165 6.28 -11.92 11.93
CA LEU B 165 7.13 -12.92 11.27
C LEU B 165 8.59 -12.50 11.17
N THR B 166 8.85 -11.19 11.19
CA THR B 166 10.23 -10.72 11.13
C THR B 166 10.94 -10.88 12.46
N GLY B 167 10.17 -11.17 13.51
CA GLY B 167 10.75 -11.35 14.85
C GLY B 167 10.87 -10.05 15.66
N LEU B 168 10.53 -8.92 15.04
N LEU B 168 10.50 -8.93 15.06
CA LEU B 168 10.65 -7.61 15.70
CA LEU B 168 10.63 -7.63 15.72
C LEU B 168 9.37 -7.14 16.39
C LEU B 168 9.37 -7.16 16.42
N THR B 169 9.56 -6.37 17.47
CA THR B 169 8.45 -5.65 18.09
C THR B 169 8.08 -4.43 17.25
N ALA B 170 6.96 -3.81 17.61
CA ALA B 170 6.54 -2.56 16.94
C ALA B 170 7.61 -1.49 17.05
N GLU B 171 8.20 -1.31 18.25
CA GLU B 171 9.20 -0.24 18.42
C GLU B 171 10.42 -0.53 17.57
N ALA B 172 10.87 -1.78 17.58
CA ALA B 172 12.03 -2.14 16.78
C ALA B 172 11.75 -1.89 15.31
N SER B 173 10.53 -2.20 14.87
CA SER B 173 10.17 -1.97 13.48
C SER B 173 10.12 -0.48 13.16
N ALA B 174 9.59 0.32 14.07
CA ALA B 174 9.61 1.77 13.86
C ALA B 174 11.04 2.27 13.65
N ARG B 175 12.00 1.72 14.38
CA ARG B 175 13.41 2.11 14.20
C ARG B 175 13.93 1.69 12.83
N ILE B 176 13.58 0.48 12.40
CA ILE B 176 13.97 0.03 11.05
C ILE B 176 13.47 0.99 9.98
N PHE B 177 12.22 1.43 10.15
CA PHE B 177 11.56 2.27 9.14
C PHE B 177 11.79 3.75 9.33
N GLY B 178 12.56 4.13 10.35
CA GLY B 178 12.98 5.52 10.54
C GLY B 178 11.85 6.44 10.96
N ARG B 179 10.90 5.88 11.69
CA ARG B 179 9.70 6.65 12.08
C ARG B 179 9.95 7.41 13.38
N GLN B 180 10.55 8.60 13.24
CA GLN B 180 11.04 9.36 14.38
C GLN B 180 9.95 9.71 15.37
N GLU B 181 8.78 10.12 14.87
CA GLU B 181 7.71 10.53 15.78
C GLU B 181 7.13 9.31 16.50
N VAL B 182 7.06 8.17 15.83
CA VAL B 182 6.58 6.97 16.51
C VAL B 182 7.57 6.58 17.61
N ILE B 183 8.86 6.65 17.27
CA ILE B 183 9.90 6.35 18.26
C ILE B 183 9.77 7.24 19.50
N LYS B 184 9.45 8.51 19.28
CA LYS B 184 9.31 9.46 20.40
C LYS B 184 8.16 9.01 21.31
N ILE B 185 7.10 8.46 20.71
CA ILE B 185 5.97 7.98 21.50
C ILE B 185 6.39 6.80 22.39
N PHE B 186 7.06 5.83 21.82
CA PHE B 186 7.58 4.71 22.62
C PHE B 186 8.52 5.16 23.73
N THR B 187 9.34 6.17 23.44
CA THR B 187 10.27 6.66 24.45
C THR B 187 9.53 7.26 25.64
N GLU B 188 8.51 8.07 25.36
CA GLU B 188 7.66 8.65 26.41
C GLU B 188 6.98 7.56 27.26
N VAL B 189 6.44 6.55 26.59
CA VAL B 189 5.78 5.46 27.29
C VAL B 189 6.76 4.74 28.22
N ARG B 190 7.95 4.45 27.70
CA ARG B 190 8.97 3.80 28.49
C ARG B 190 9.34 4.64 29.72
N ARG B 191 9.33 5.96 29.55
CA ARG B 191 9.74 6.87 30.62
C ARG B 191 8.64 7.27 31.61
N ALA B 192 7.41 6.83 31.37
CA ALA B 192 6.27 7.27 32.21
C ALA B 192 6.49 7.03 33.70
S SO4 C . 13.86 14.40 -2.69
O1 SO4 C . 13.62 13.10 -2.01
O2 SO4 C . 14.99 14.32 -3.61
O3 SO4 C . 12.65 14.86 -3.33
O4 SO4 C . 14.17 15.33 -1.61
S SO4 D . -12.00 8.67 -9.66
O1 SO4 D . -13.28 7.96 -9.62
O2 SO4 D . -10.90 7.76 -9.33
O3 SO4 D . -11.81 9.15 -11.03
O4 SO4 D . -12.00 9.77 -8.72
S SO4 E . 12.35 12.83 6.17
O1 SO4 E . 12.58 11.44 6.56
O2 SO4 E . 13.60 13.50 5.85
O3 SO4 E . 11.49 12.88 4.99
O4 SO4 E . 11.68 13.52 7.28
S SO4 F . -2.57 -12.65 -20.44
O1 SO4 F . -2.79 -14.00 -19.93
O2 SO4 F . -1.52 -12.64 -21.46
O3 SO4 F . -3.78 -12.12 -21.08
O4 SO4 F . -2.16 -11.84 -19.32
C1 144 G . -1.65 11.41 -10.15
N 144 G . -2.46 10.26 -10.62
C2 144 G . -3.33 10.63 -11.71
O2 144 G . -4.53 10.69 -10.96
C3 144 G . -1.46 9.24 -10.77
O3 144 G . -1.36 8.97 -12.06
C4 144 G . -3.46 9.75 -9.67
O4 144 G . -3.04 9.90 -8.28
C1 BU2 H . 6.96 3.42 2.61
O1 BU2 H . 7.49 2.10 2.65
C2 BU2 H . 7.83 4.37 3.44
C3 BU2 H . 7.04 5.62 3.88
O3 BU2 H . 7.93 6.72 3.95
C4 BU2 H . 5.85 5.90 2.96
C1 BU2 I . 35.62 5.99 -3.59
O1 BU2 I . 35.37 7.10 -4.46
C2 BU2 I . 37.00 5.43 -3.89
C3 BU2 I . 37.10 3.94 -3.63
O3 BU2 I . 36.83 3.68 -2.25
C4 BU2 I . 36.16 3.17 -4.54
C1 GOL J . 17.06 0.04 13.76
O1 GOL J . 17.50 -1.25 14.12
C2 GOL J . 18.02 0.57 12.71
O2 GOL J . 19.02 -0.42 12.53
C3 GOL J . 17.25 0.79 11.41
O3 GOL J . 17.13 2.15 11.01
C1 GOL K . -5.28 -2.49 -5.50
O1 GOL K . -4.87 -3.81 -5.81
C2 GOL K . -6.70 -2.56 -4.92
O2 GOL K . -6.70 -3.52 -3.88
C3 GOL K . -7.15 -1.17 -4.44
O3 GOL K . -6.86 -0.99 -3.07
C1 GOL L . -0.14 -3.03 -1.08
C1 GOL L . 0.51 -2.81 -1.16
O1 GOL L . 0.82 -3.90 -1.64
O1 GOL L . 1.74 -3.43 -1.52
C2 GOL L . 0.41 -2.34 0.16
C2 GOL L . 0.57 -2.36 0.29
O2 GOL L . 0.90 -1.07 -0.17
O2 GOL L . 1.17 -1.08 0.35
C3 GOL L . -0.71 -2.14 1.19
C3 GOL L . -0.85 -2.26 0.85
O3 GOL L . -1.69 -1.25 0.69
O3 GOL L . -1.55 -3.44 0.52
S SO4 M . -17.60 10.94 3.98
O1 SO4 M . -18.71 10.55 4.84
O2 SO4 M . -17.08 9.80 3.21
O3 SO4 M . -18.08 11.91 2.98
O4 SO4 M . -16.56 11.53 4.80
S SO4 N . -7.97 11.79 7.16
O1 SO4 N . -8.57 11.90 8.47
O2 SO4 N . -6.56 11.40 7.27
O3 SO4 N . -8.66 10.92 6.23
O4 SO4 N . -7.92 13.14 6.51
S SO4 O . -1.29 -13.29 20.77
O1 SO4 O . -1.97 -14.57 21.02
O2 SO4 O . 0.15 -13.42 20.93
O3 SO4 O . -1.65 -12.90 19.40
O4 SO4 O . -1.81 -12.31 21.73
S SO4 P . -8.54 -6.40 22.00
O1 SO4 P . -9.67 -7.30 22.16
O2 SO4 P . -7.87 -6.81 20.76
O3 SO4 P . -8.99 -4.99 21.95
O4 SO4 P . -7.65 -6.64 23.15
CL CL Q . -14.16 -12.59 9.50
CL CL R . -14.24 -9.99 18.02
CL CL S . -15.56 9.92 -4.77
C1 BU2 T . 6.84 9.62 11.85
C1 BU2 T . 6.59 8.99 11.71
O1 BU2 T . 6.30 8.66 12.82
O1 BU2 T . 7.12 8.60 12.99
C2 BU2 T . 8.25 10.00 12.27
C2 BU2 T . 7.70 9.18 10.69
C3 BU2 T . 9.01 10.91 11.27
C3 BU2 T . 8.24 10.60 10.81
O3 BU2 T . 10.32 10.38 10.96
O3 BU2 T . 7.98 11.02 12.16
C4 BU2 T . 8.19 11.17 10.02
C4 BU2 T . 9.71 10.67 10.47
C1 BU2 U . -26.50 -11.50 -3.41
O1 BU2 U . -26.33 -10.31 -4.19
C2 BU2 U . -26.38 -12.76 -4.27
C3 BU2 U . -26.81 -14.07 -3.57
O3 BU2 U . -26.42 -15.17 -4.37
C4 BU2 U . -26.21 -14.26 -2.18
C1 GOL V . -20.48 -15.17 1.39
O1 GOL V . -19.32 -14.75 2.09
C2 GOL V . -20.30 -15.07 -0.12
O2 GOL V . -20.26 -13.70 -0.48
C3 GOL V . -21.51 -15.73 -0.79
O3 GOL V . -21.28 -15.93 -2.18
C1 GOL W . -0.18 10.61 12.39
O1 GOL W . 0.70 10.22 11.34
C2 GOL W . -1.30 9.60 12.38
O2 GOL W . -1.19 8.88 13.57
C3 GOL W . -2.66 10.28 12.26
O3 GOL W . -3.40 10.12 13.44
C1 GOL X . 4.61 -1.25 5.87
C1 GOL X . 5.34 -1.13 6.17
O1 GOL X . 4.35 -2.48 6.50
O1 GOL X . 5.61 -2.51 6.18
C2 GOL X . 6.11 -1.11 5.65
C2 GOL X . 6.04 -0.49 4.97
O2 GOL X . 6.49 -2.05 4.68
O2 GOL X . 6.07 -1.43 3.92
C3 GOL X . 6.43 0.32 5.16
C3 GOL X . 5.26 0.73 4.54
O3 GOL X . 6.04 0.47 3.80
O3 GOL X . 5.71 1.87 5.26
#